data_4Q6B
#
_entry.id   4Q6B
#
_cell.length_a   60.425
_cell.length_b   42.765
_cell.length_c   63.577
_cell.angle_alpha   90.00
_cell.angle_beta   108.95
_cell.angle_gamma   90.00
#
_symmetry.space_group_name_H-M   'P 1 21 1'
#
loop_
_entity.id
_entity.type
_entity.pdbx_description
1 polymer 'Extracellular ligand-binding receptor'
2 non-polymer LEUCINE
3 non-polymer 'CALCIUM ION'
4 non-polymer 1,2-ETHANEDIOL
5 water water
#
_entity_poly.entity_id   1
_entity_poly.type   'polypeptide(L)'
_entity_poly.pdbx_seq_one_letter_code
;SNAQVNPSEEIFIGVAWPFASLDDLFAEGLELAVQEINEQGGVQGRKLSLVKADDEAELEKGLAIAQAFADNAGIQAVIG
HRNSFISIPAASIYDQAGLV(MSE)LSPASTSPDLTDHGYIHVFRNIPSDQEIARQLAIYLAEQGHER(MSE)VIYYTDD
SYGNGLANAFEDYARAQGITIVDRFNYYGNLKDLERLYDKWQAFG(MSE)DGIFIAKTATGGGTEFLVDAKSVGIEVPLI
AGNSWDALSLTEDIENIG(MSE)TAEGLLVGSFFNPQRPDSRTQDFVEAFRREYGQPPTSYAAAGYDAVILLAEALEKSD
LTHPATLAQGLRDLGPWEGV(MSE)G(MSE)HRFDGRGDDIGDLVVLKK(MSE)KDGRFEYLGH
;
_entity_poly.pdbx_strand_id   A
#
# COMPACT_ATOMS: atom_id res chain seq x y z
N GLU A 9 28.64 15.62 5.28
CA GLU A 9 27.89 16.29 6.32
C GLU A 9 26.42 16.13 5.98
N GLU A 10 26.19 15.53 4.81
CA GLU A 10 24.84 15.35 4.31
C GLU A 10 24.68 14.01 3.63
N ILE A 11 23.60 13.28 3.96
CA ILE A 11 23.26 12.11 3.17
C ILE A 11 21.85 12.11 2.60
N PHE A 12 21.67 11.34 1.53
CA PHE A 12 20.47 11.45 0.72
C PHE A 12 19.72 10.13 0.55
N ILE A 13 18.40 10.23 0.65
CA ILE A 13 17.49 9.15 0.22
C ILE A 13 16.72 9.66 -0.98
N GLY A 14 16.70 8.88 -2.07
CA GLY A 14 15.83 9.20 -3.23
C GLY A 14 14.37 8.84 -2.98
N VAL A 15 13.45 9.60 -3.57
CA VAL A 15 12.02 9.27 -3.47
C VAL A 15 11.45 9.45 -4.88
N ALA A 16 10.70 8.43 -5.34
CA ALA A 16 10.04 8.48 -6.65
C ALA A 16 8.54 8.30 -6.41
N TRP A 17 7.72 9.29 -6.82
CA TRP A 17 6.29 9.31 -6.51
C TRP A 17 5.59 10.20 -7.47
N PRO A 18 4.28 10.00 -7.69
CA PRO A 18 3.59 10.95 -8.57
C PRO A 18 3.18 12.17 -7.75
N PHE A 19 4.17 12.97 -7.35
CA PHE A 19 3.97 14.05 -6.40
C PHE A 19 2.94 15.08 -6.86
N ALA A 20 3.07 15.53 -8.10
CA ALA A 20 2.18 16.59 -8.56
C ALA A 20 0.73 16.18 -8.77
N SER A 21 0.49 14.93 -9.15
CA SER A 21 -0.85 14.53 -9.49
C SER A 21 -1.67 14.04 -8.29
N LEU A 22 -1.02 13.83 -7.14
CA LEU A 22 -1.75 13.32 -5.98
C LEU A 22 -1.74 14.25 -4.78
N ASP A 23 -2.92 14.50 -4.22
CA ASP A 23 -3.08 15.27 -3.00
C ASP A 23 -3.15 14.31 -1.82
N ASP A 24 -2.15 13.47 -1.65
CA ASP A 24 -2.27 12.37 -0.68
C ASP A 24 -1.44 12.53 0.60
N LEU A 25 -0.88 13.74 0.77
CA LEU A 25 -0.04 14.07 1.95
C LEU A 25 1.19 13.18 2.08
N PHE A 26 1.65 12.60 0.97
CA PHE A 26 2.79 11.72 1.05
C PHE A 26 4.06 12.54 1.37
N ALA A 27 4.22 13.65 0.66
CA ALA A 27 5.37 14.54 0.88
C ALA A 27 5.42 15.06 2.31
N GLU A 28 4.25 15.35 2.90
CA GLU A 28 4.14 15.83 4.26
C GLU A 28 4.64 14.74 5.24
N GLY A 29 4.23 13.50 5.05
CA GLY A 29 4.66 12.42 5.96
C GLY A 29 6.16 12.18 5.90
N LEU A 30 6.73 12.19 4.68
CA LEU A 30 8.19 12.11 4.48
C LEU A 30 8.87 13.26 5.19
N GLU A 31 8.38 14.48 5.02
CA GLU A 31 9.06 15.66 5.57
C GLU A 31 9.04 15.67 7.11
N LEU A 32 7.92 15.26 7.69
CA LEU A 32 7.84 15.10 9.14
C LEU A 32 8.88 14.09 9.67
N ALA A 33 9.10 12.99 8.95
CA ALA A 33 10.08 11.99 9.42
C ALA A 33 11.52 12.47 9.33
N VAL A 34 11.82 13.13 8.21
CA VAL A 34 13.15 13.68 8.04
C VAL A 34 13.45 14.70 9.13
N GLN A 35 12.44 15.52 9.48
N GLN A 35 12.45 15.49 9.49
CA GLN A 35 12.62 16.55 10.51
CA GLN A 35 12.61 16.51 10.53
C GLN A 35 12.88 15.89 11.86
C GLN A 35 12.85 15.88 11.88
N GLU A 36 12.18 14.79 12.09
CA GLU A 36 12.36 14.05 13.36
C GLU A 36 13.76 13.45 13.42
N ILE A 37 14.24 12.89 12.30
CA ILE A 37 15.56 12.23 12.25
C ILE A 37 16.64 13.27 12.51
N ASN A 38 16.56 14.40 11.79
CA ASN A 38 17.51 15.51 12.07
C ASN A 38 17.46 16.13 13.48
N GLU A 39 16.27 16.23 14.06
CA GLU A 39 16.17 16.75 15.40
C GLU A 39 16.88 15.83 16.39
N GLN A 40 16.90 14.53 16.07
CA GLN A 40 17.50 13.53 16.95
C GLN A 40 18.99 13.33 16.64
N GLY A 41 19.52 14.13 15.73
CA GLY A 41 20.95 14.12 15.47
C GLY A 41 21.37 13.53 14.14
N GLY A 42 20.42 13.28 13.23
CA GLY A 42 20.73 12.85 11.87
C GLY A 42 21.11 11.39 11.82
N VAL A 43 21.87 11.04 10.79
CA VAL A 43 22.33 9.68 10.56
C VAL A 43 23.87 9.70 10.56
N GLN A 44 24.47 8.99 11.52
CA GLN A 44 25.92 9.02 11.71
C GLN A 44 26.41 10.46 11.73
N GLY A 45 25.66 11.32 12.41
CA GLY A 45 26.07 12.71 12.58
C GLY A 45 25.88 13.58 11.35
N ARG A 46 25.29 13.03 10.28
CA ARG A 46 25.05 13.77 9.04
C ARG A 46 23.58 14.17 8.87
N LYS A 47 23.33 15.39 8.37
CA LYS A 47 21.95 15.77 8.00
C LYS A 47 21.36 14.89 6.91
N LEU A 48 20.12 14.44 7.13
CA LEU A 48 19.36 13.64 6.17
C LEU A 48 18.57 14.56 5.22
N SER A 49 18.66 14.31 3.91
CA SER A 49 17.89 15.07 2.94
C SER A 49 17.24 14.17 1.90
N LEU A 50 16.14 14.63 1.33
CA LEU A 50 15.52 13.81 0.33
C LEU A 50 15.82 14.35 -1.06
N VAL A 51 15.92 13.45 -2.01
CA VAL A 51 15.99 13.85 -3.44
C VAL A 51 14.70 13.36 -4.08
N LYS A 52 13.77 14.27 -4.33
CA LYS A 52 12.44 13.87 -4.79
C LYS A 52 12.35 13.92 -6.32
N ALA A 53 11.83 12.84 -6.91
CA ALA A 53 11.61 12.85 -8.36
C ALA A 53 10.16 12.45 -8.60
N ASP A 54 9.48 13.13 -9.51
CA ASP A 54 8.07 12.88 -9.82
C ASP A 54 7.96 11.94 -11.01
N ASP A 55 7.50 10.69 -10.81
CA ASP A 55 7.40 9.77 -11.95
C ASP A 55 6.11 9.90 -12.77
N GLU A 56 5.25 10.85 -12.37
CA GLU A 56 3.97 11.10 -13.02
C GLU A 56 3.14 9.87 -13.22
N ALA A 57 3.35 8.82 -12.42
CA ALA A 57 2.67 7.53 -12.66
C ALA A 57 2.81 7.02 -14.10
N GLU A 58 3.99 7.26 -14.69
CA GLU A 58 4.29 6.79 -16.05
C GLU A 58 5.50 5.86 -16.04
N LEU A 59 5.37 4.70 -16.68
CA LEU A 59 6.42 3.69 -16.69
C LEU A 59 7.73 4.27 -17.26
N GLU A 60 7.65 5.01 -18.35
CA GLU A 60 8.90 5.47 -19.02
C GLU A 60 9.63 6.43 -18.09
N LYS A 61 8.90 7.39 -17.51
CA LYS A 61 9.53 8.31 -16.56
C LYS A 61 10.05 7.58 -15.32
N GLY A 62 9.28 6.62 -14.81
CA GLY A 62 9.72 5.79 -13.69
C GLY A 62 11.04 5.04 -13.88
N LEU A 63 11.20 4.40 -15.03
CA LEU A 63 12.45 3.70 -15.35
C LEU A 63 13.62 4.67 -15.47
N ALA A 64 13.39 5.86 -16.04
CA ALA A 64 14.44 6.88 -16.17
C ALA A 64 14.90 7.37 -14.80
N ILE A 65 13.94 7.60 -13.91
CA ILE A 65 14.23 8.01 -12.54
C ILE A 65 15.02 6.91 -11.84
N ALA A 66 14.61 5.65 -12.06
CA ALA A 66 15.27 4.55 -11.34
C ALA A 66 16.75 4.50 -11.72
N GLN A 67 17.03 4.57 -13.02
N GLN A 67 17.03 4.57 -13.02
CA GLN A 67 18.40 4.57 -13.52
CA GLN A 67 18.40 4.56 -13.52
C GLN A 67 19.15 5.78 -13.00
C GLN A 67 19.15 5.78 -13.01
N ALA A 68 18.50 6.94 -12.98
CA ALA A 68 19.20 8.13 -12.47
C ALA A 68 19.56 7.98 -10.99
N PHE A 69 18.64 7.46 -10.20
CA PHE A 69 19.01 7.19 -8.78
C PHE A 69 20.10 6.15 -8.69
N ALA A 70 19.95 5.04 -9.40
CA ALA A 70 20.94 3.96 -9.35
C ALA A 70 22.34 4.36 -9.76
N ASP A 71 22.45 5.35 -10.66
CA ASP A 71 23.77 5.78 -11.15
C ASP A 71 24.37 6.92 -10.31
N ASN A 72 23.69 7.29 -9.24
CA ASN A 72 24.14 8.38 -8.38
C ASN A 72 24.71 7.80 -7.07
N ALA A 73 26.04 7.85 -6.88
CA ALA A 73 26.70 7.24 -5.73
C ALA A 73 26.26 7.90 -4.40
N GLY A 74 25.65 9.08 -4.49
CA GLY A 74 25.15 9.76 -3.32
C GLY A 74 23.79 9.31 -2.79
N ILE A 75 23.08 8.46 -3.54
CA ILE A 75 21.78 7.95 -3.08
C ILE A 75 21.95 6.68 -2.26
N GLN A 76 21.49 6.71 -0.98
CA GLN A 76 21.76 5.60 -0.05
C GLN A 76 20.70 4.53 -0.14
N ALA A 77 19.52 4.93 -0.59
CA ALA A 77 18.33 4.07 -0.71
C ALA A 77 17.27 4.88 -1.46
N VAL A 78 16.24 4.19 -1.97
CA VAL A 78 15.08 4.82 -2.62
C VAL A 78 13.77 4.36 -2.02
N ILE A 79 12.87 5.34 -1.81
CA ILE A 79 11.49 5.11 -1.38
C ILE A 79 10.64 5.27 -2.63
N GLY A 80 9.91 4.22 -2.99
CA GLY A 80 9.04 4.25 -4.16
C GLY A 80 8.92 2.84 -4.73
N HIS A 81 8.24 2.66 -5.88
CA HIS A 81 7.38 3.69 -6.49
C HIS A 81 5.95 3.44 -5.96
N ARG A 82 4.96 4.12 -6.50
CA ARG A 82 3.58 3.97 -5.97
C ARG A 82 2.90 2.82 -6.68
N ASN A 83 2.89 2.86 -8.00
CA ASN A 83 2.10 1.90 -8.76
C ASN A 83 2.90 0.62 -8.95
N SER A 84 2.28 -0.53 -8.73
CA SER A 84 3.03 -1.77 -8.96
C SER A 84 3.54 -1.96 -10.39
N PHE A 85 2.81 -1.48 -11.41
CA PHE A 85 3.33 -1.66 -12.78
C PHE A 85 4.59 -0.87 -13.09
N ILE A 86 4.90 0.10 -12.22
CA ILE A 86 6.18 0.81 -12.27
C ILE A 86 7.18 0.21 -11.30
N SER A 87 6.79 -0.08 -10.07
CA SER A 87 7.75 -0.63 -9.11
C SER A 87 8.34 -1.97 -9.57
N ILE A 88 7.52 -2.85 -10.13
CA ILE A 88 8.04 -4.16 -10.51
C ILE A 88 9.21 -4.08 -11.54
N PRO A 89 9.01 -3.38 -12.65
CA PRO A 89 10.20 -3.29 -13.53
C PRO A 89 11.31 -2.37 -12.99
N ALA A 90 10.94 -1.28 -12.31
CA ALA A 90 11.97 -0.39 -11.77
C ALA A 90 12.84 -1.13 -10.74
N ALA A 91 12.23 -2.02 -9.95
CA ALA A 91 12.95 -2.85 -8.98
C ALA A 91 14.08 -3.66 -9.63
N SER A 92 13.96 -3.98 -10.93
CA SER A 92 15.05 -4.76 -11.58
C SER A 92 16.31 -3.89 -11.65
N ILE A 93 16.13 -2.61 -11.98
CA ILE A 93 17.22 -1.65 -12.05
C ILE A 93 17.82 -1.45 -10.66
N TYR A 94 16.99 -1.22 -9.65
CA TYR A 94 17.52 -1.05 -8.30
C TYR A 94 18.22 -2.30 -7.82
N ASP A 95 17.63 -3.48 -8.07
CA ASP A 95 18.23 -4.72 -7.57
C ASP A 95 19.59 -4.98 -8.21
N GLN A 96 19.68 -4.81 -9.54
CA GLN A 96 20.94 -5.05 -10.21
C GLN A 96 22.01 -4.04 -9.76
N ALA A 97 21.59 -2.82 -9.40
CA ALA A 97 22.53 -1.81 -8.84
C ALA A 97 22.90 -2.00 -7.35
N GLY A 98 22.23 -2.92 -6.67
CA GLY A 98 22.48 -3.11 -5.25
C GLY A 98 22.05 -1.88 -4.47
N LEU A 99 20.89 -1.32 -4.84
CA LEU A 99 20.34 -0.17 -4.11
C LEU A 99 18.95 -0.52 -3.61
N VAL A 100 18.72 -0.31 -2.31
CA VAL A 100 17.39 -0.58 -1.75
C VAL A 100 16.30 0.25 -2.38
N LEU A 102 12.33 0.76 -1.46
CA LEU A 102 11.34 0.41 -0.41
C LEU A 102 10.02 1.06 -0.80
N SER A 103 9.03 0.27 -1.20
CA SER A 103 7.78 0.83 -1.66
C SER A 103 6.75 0.94 -0.56
N PRO A 104 6.23 2.24 -0.44
CA PRO A 104 5.17 2.36 0.56
C PRO A 104 3.77 2.24 -0.03
N ALA A 105 3.64 1.87 -1.30
CA ALA A 105 2.32 1.68 -1.86
C ALA A 105 2.04 0.49 -2.79
N SER A 106 3.08 -0.14 -3.32
CA SER A 106 2.84 -1.15 -4.35
C SER A 106 2.51 -2.47 -3.70
N THR A 107 1.29 -2.95 -3.94
CA THR A 107 0.76 -4.11 -3.23
C THR A 107 0.72 -5.40 -4.05
N SER A 108 1.10 -5.37 -5.33
CA SER A 108 1.12 -6.61 -6.11
C SER A 108 2.01 -7.69 -5.51
N PRO A 109 1.47 -8.90 -5.36
CA PRO A 109 2.30 -10.04 -4.93
C PRO A 109 3.52 -10.28 -5.82
N ASP A 110 3.44 -9.93 -7.10
CA ASP A 110 4.50 -10.22 -8.04
C ASP A 110 5.81 -9.43 -7.75
N LEU A 111 5.70 -8.34 -6.98
CA LEU A 111 6.87 -7.52 -6.68
C LEU A 111 7.96 -8.38 -6.04
N THR A 112 7.53 -9.36 -5.23
CA THR A 112 8.53 -10.12 -4.44
C THR A 112 8.69 -11.54 -4.99
N ASP A 113 8.28 -11.70 -6.25
CA ASP A 113 8.33 -13.00 -6.92
C ASP A 113 9.35 -13.01 -8.03
N HIS A 114 10.39 -12.16 -7.96
CA HIS A 114 11.40 -12.14 -9.02
C HIS A 114 12.82 -12.44 -8.51
N GLY A 115 12.91 -12.91 -7.25
CA GLY A 115 14.23 -13.21 -6.68
C GLY A 115 15.05 -11.98 -6.33
N TYR A 116 14.45 -10.79 -6.27
CA TYR A 116 15.24 -9.62 -5.93
C TYR A 116 15.67 -9.69 -4.47
N ILE A 117 16.81 -9.08 -4.15
CA ILE A 117 17.35 -9.07 -2.80
C ILE A 117 17.28 -7.67 -2.17
N HIS A 118 17.18 -6.61 -2.98
CA HIS A 118 17.28 -5.24 -2.46
C HIS A 118 15.94 -4.52 -2.44
N VAL A 119 14.90 -5.29 -2.60
CA VAL A 119 13.59 -4.70 -2.92
C VAL A 119 12.59 -5.05 -1.82
N PHE A 120 11.90 -4.04 -1.31
CA PHE A 120 11.05 -4.20 -0.10
C PHE A 120 9.76 -3.43 -0.26
N ARG A 121 8.74 -3.75 0.55
CA ARG A 121 7.63 -2.81 0.73
C ARG A 121 7.31 -2.81 2.17
N ASN A 122 6.78 -1.71 2.70
CA ASN A 122 6.49 -1.65 4.16
C ASN A 122 5.00 -1.64 4.41
N ILE A 123 4.24 -2.24 3.49
CA ILE A 123 2.78 -2.32 3.62
C ILE A 123 2.40 -3.75 3.27
N PRO A 124 1.19 -4.18 3.65
CA PRO A 124 0.75 -5.55 3.29
C PRO A 124 0.49 -5.67 1.79
N SER A 125 0.73 -6.87 1.25
CA SER A 125 0.46 -7.11 -0.17
C SER A 125 -1.02 -7.40 -0.32
N ASP A 126 -1.45 -7.43 -1.57
CA ASP A 126 -2.84 -7.76 -1.94
C ASP A 126 -3.28 -9.08 -1.37
N GLN A 127 -2.37 -10.04 -1.34
CA GLN A 127 -2.65 -11.36 -0.81
C GLN A 127 -2.94 -11.32 0.69
N GLU A 128 -2.18 -10.52 1.44
CA GLU A 128 -2.44 -10.41 2.89
C GLU A 128 -3.75 -9.66 3.20
N ILE A 129 -4.04 -8.63 2.41
CA ILE A 129 -5.28 -7.89 2.52
C ILE A 129 -6.46 -8.83 2.25
N ALA A 130 -6.35 -9.62 1.17
CA ALA A 130 -7.42 -10.60 0.82
C ALA A 130 -7.64 -11.60 1.93
N ARG A 131 -6.56 -12.11 2.53
N ARG A 131 -6.55 -12.08 2.53
CA ARG A 131 -6.63 -13.10 3.59
CA ARG A 131 -6.63 -13.08 3.58
C ARG A 131 -7.39 -12.56 4.81
C ARG A 131 -7.40 -12.54 4.79
N GLN A 132 -7.10 -11.31 5.20
CA GLN A 132 -7.75 -10.75 6.39
C GLN A 132 -9.18 -10.42 6.07
N LEU A 133 -9.45 -9.96 4.83
CA LEU A 133 -10.85 -9.68 4.46
C LEU A 133 -11.71 -10.93 4.49
N ALA A 134 -11.15 -12.06 4.05
CA ALA A 134 -11.95 -13.29 4.03
C ALA A 134 -12.29 -13.73 5.44
N ILE A 135 -11.31 -13.61 6.33
CA ILE A 135 -11.53 -13.99 7.74
C ILE A 135 -12.65 -13.16 8.36
N TYR A 136 -12.59 -11.86 8.14
CA TYR A 136 -13.56 -10.95 8.73
C TYR A 136 -14.95 -11.21 8.15
N LEU A 137 -15.00 -11.36 6.83
CA LEU A 137 -16.31 -11.49 6.16
C LEU A 137 -16.99 -12.78 6.57
N ALA A 138 -16.20 -13.85 6.74
CA ALA A 138 -16.82 -15.09 7.19
C ALA A 138 -17.32 -14.93 8.63
N GLU A 139 -16.58 -14.24 9.48
CA GLU A 139 -17.08 -14.10 10.86
C GLU A 139 -18.36 -13.24 10.89
N GLN A 140 -18.50 -12.36 9.90
CA GLN A 140 -19.71 -11.54 9.75
C GLN A 140 -20.87 -12.29 9.13
N GLY A 141 -20.69 -13.53 8.73
CA GLY A 141 -21.82 -14.33 8.27
C GLY A 141 -21.97 -14.38 6.74
N HIS A 142 -20.96 -13.93 6.00
CA HIS A 142 -21.02 -14.09 4.57
C HIS A 142 -20.82 -15.53 4.16
N GLU A 143 -21.60 -15.98 3.19
CA GLU A 143 -21.49 -17.35 2.69
C GLU A 143 -21.43 -17.47 1.17
N ARG A 144 -22.08 -16.54 0.44
CA ARG A 144 -22.22 -16.62 -1.02
C ARG A 144 -21.92 -15.23 -1.59
N VAL A 146 -20.10 -12.42 -4.71
CA VAL A 146 -19.78 -12.15 -6.13
C VAL A 146 -18.47 -11.38 -6.21
N ILE A 147 -17.65 -11.60 -7.24
CA ILE A 147 -16.41 -10.85 -7.39
C ILE A 147 -16.49 -10.06 -8.69
N TYR A 148 -16.34 -8.74 -8.63
CA TYR A 148 -16.23 -7.88 -9.83
C TYR A 148 -14.76 -7.62 -9.98
N TYR A 149 -14.15 -7.96 -11.10
CA TYR A 149 -12.70 -7.84 -11.17
C TYR A 149 -12.22 -7.22 -12.48
N THR A 150 -10.99 -6.68 -12.50
CA THR A 150 -10.37 -6.23 -13.74
C THR A 150 -9.67 -7.41 -14.39
N ASP A 151 -9.97 -7.64 -15.67
CA ASP A 151 -9.35 -8.77 -16.34
C ASP A 151 -7.93 -8.44 -16.82
N ASP A 152 -7.05 -8.14 -15.86
CA ASP A 152 -5.62 -7.98 -16.12
C ASP A 152 -4.83 -8.71 -15.03
N SER A 153 -3.50 -8.67 -15.06
CA SER A 153 -2.74 -9.52 -14.15
C SER A 153 -3.04 -9.17 -12.69
N TYR A 154 -3.08 -7.87 -12.39
CA TYR A 154 -3.39 -7.40 -11.03
C TYR A 154 -4.82 -7.70 -10.55
N GLY A 155 -5.79 -7.54 -11.45
CA GLY A 155 -7.18 -7.81 -11.10
C GLY A 155 -7.40 -9.31 -10.93
N ASN A 156 -6.89 -10.09 -11.86
CA ASN A 156 -7.01 -11.53 -11.77
C ASN A 156 -6.30 -12.00 -10.49
N GLY A 157 -5.18 -11.35 -10.19
CA GLY A 157 -4.39 -11.66 -9.01
C GLY A 157 -5.12 -11.55 -7.69
N LEU A 158 -5.72 -10.38 -7.45
CA LEU A 158 -6.44 -10.12 -6.20
C LEU A 158 -7.74 -10.93 -6.11
N ALA A 159 -8.40 -11.12 -7.26
CA ALA A 159 -9.61 -11.93 -7.37
C ALA A 159 -9.32 -13.39 -7.00
N ASN A 160 -8.25 -13.97 -7.57
CA ASN A 160 -7.91 -15.36 -7.28
C ASN A 160 -7.47 -15.55 -5.82
N ALA A 161 -6.66 -14.62 -5.32
CA ALA A 161 -6.33 -14.61 -3.86
C ALA A 161 -7.58 -14.57 -2.97
N PHE A 162 -8.48 -13.64 -3.24
CA PHE A 162 -9.69 -13.56 -2.43
C PHE A 162 -10.55 -14.83 -2.54
N GLU A 163 -10.73 -15.33 -3.77
CA GLU A 163 -11.53 -16.55 -3.95
C GLU A 163 -10.94 -17.73 -3.15
N ASP A 164 -9.61 -17.88 -3.19
CA ASP A 164 -8.95 -18.99 -2.50
C ASP A 164 -9.08 -18.85 -0.98
N TYR A 165 -8.85 -17.65 -0.46
CA TYR A 165 -9.02 -17.52 1.00
C TYR A 165 -10.50 -17.60 1.42
N ALA A 166 -11.39 -17.04 0.60
CA ALA A 166 -12.83 -17.09 0.93
C ALA A 166 -13.28 -18.55 0.95
N ARG A 167 -12.76 -19.37 0.03
CA ARG A 167 -13.18 -20.77 -0.03
C ARG A 167 -12.79 -21.53 1.24
N ALA A 168 -11.60 -21.22 1.78
CA ALA A 168 -11.14 -21.83 3.02
C ALA A 168 -11.96 -21.40 4.23
N GLN A 169 -12.66 -20.28 4.12
CA GLN A 169 -13.55 -19.81 5.17
C GLN A 169 -14.99 -20.32 5.03
N GLY A 170 -15.24 -21.11 4.00
CA GLY A 170 -16.58 -21.61 3.70
C GLY A 170 -17.44 -20.65 2.90
N ILE A 171 -16.82 -19.66 2.28
CA ILE A 171 -17.55 -18.76 1.37
C ILE A 171 -17.45 -19.25 -0.04
N THR A 172 -18.62 -19.36 -0.71
CA THR A 172 -18.68 -19.79 -2.10
C THR A 172 -18.74 -18.53 -2.96
N ILE A 173 -17.98 -18.52 -4.05
CA ILE A 173 -18.08 -17.45 -5.03
C ILE A 173 -19.12 -17.89 -6.05
N VAL A 174 -20.30 -17.26 -6.03
CA VAL A 174 -21.39 -17.71 -6.88
C VAL A 174 -21.32 -17.08 -8.29
N ASP A 175 -20.58 -15.98 -8.45
CA ASP A 175 -20.37 -15.45 -9.80
C ASP A 175 -19.15 -14.55 -9.78
N ARG A 176 -18.42 -14.52 -10.87
CA ARG A 176 -17.37 -13.51 -11.03
C ARG A 176 -17.62 -12.87 -12.39
N PHE A 177 -17.35 -11.57 -12.51
CA PHE A 177 -17.61 -10.84 -13.77
C PHE A 177 -16.67 -9.67 -13.89
N ASN A 178 -16.44 -9.21 -15.13
CA ASN A 178 -15.49 -8.12 -15.35
C ASN A 178 -15.99 -6.98 -16.22
N TYR A 179 -17.23 -7.11 -16.70
CA TYR A 179 -17.81 -6.09 -17.56
C TYR A 179 -19.33 -6.12 -17.48
N TYR A 180 -19.94 -4.93 -17.48
CA TYR A 180 -21.37 -4.80 -17.77
C TYR A 180 -21.55 -3.57 -18.67
N GLY A 181 -22.48 -3.64 -19.63
CA GLY A 181 -22.61 -2.59 -20.62
C GLY A 181 -23.45 -1.38 -20.26
N ASN A 182 -24.45 -1.56 -19.39
CA ASN A 182 -25.35 -0.47 -19.02
C ASN A 182 -26.10 -0.88 -17.75
N LEU A 183 -26.93 0.02 -17.22
CA LEU A 183 -27.58 -0.26 -15.95
C LEU A 183 -28.61 -1.41 -16.05
N LYS A 184 -29.32 -1.47 -17.16
CA LYS A 184 -30.25 -2.57 -17.42
C LYS A 184 -29.56 -3.93 -17.22
N ASP A 185 -28.37 -4.09 -17.79
CA ASP A 185 -27.71 -5.37 -17.63
C ASP A 185 -27.15 -5.63 -16.24
N LEU A 186 -26.74 -4.57 -15.55
CA LEU A 186 -26.47 -4.74 -14.11
C LEU A 186 -27.72 -5.20 -13.33
N GLU A 187 -28.89 -4.67 -13.68
CA GLU A 187 -30.16 -5.18 -13.12
C GLU A 187 -30.34 -6.66 -13.36
N ARG A 188 -30.01 -7.12 -14.57
CA ARG A 188 -30.19 -8.50 -14.96
C ARG A 188 -29.19 -9.36 -14.16
N LEU A 189 -27.93 -8.91 -14.06
CA LEU A 189 -26.97 -9.59 -13.18
C LEU A 189 -27.47 -9.68 -11.73
N TYR A 190 -28.00 -8.57 -11.20
CA TYR A 190 -28.47 -8.54 -9.80
C TYR A 190 -29.63 -9.53 -9.62
N ASP A 191 -30.50 -9.64 -10.61
CA ASP A 191 -31.53 -10.69 -10.57
C ASP A 191 -30.96 -12.12 -10.48
N LYS A 192 -29.91 -12.37 -11.24
CA LYS A 192 -29.26 -13.68 -11.21
C LYS A 192 -28.58 -13.89 -9.86
N TRP A 193 -27.86 -12.87 -9.39
CA TRP A 193 -27.23 -12.96 -8.08
C TRP A 193 -28.23 -13.18 -6.93
N GLN A 194 -29.41 -12.56 -7.01
CA GLN A 194 -30.41 -12.82 -5.98
C GLN A 194 -30.82 -14.29 -5.99
N ALA A 195 -30.95 -14.86 -7.18
CA ALA A 195 -31.38 -16.25 -7.30
C ALA A 195 -30.31 -17.20 -6.72
N PHE A 196 -29.06 -16.76 -6.74
CA PHE A 196 -27.93 -17.52 -6.20
C PHE A 196 -27.75 -17.24 -4.72
N GLY A 197 -28.53 -16.33 -4.16
CA GLY A 197 -28.44 -16.08 -2.74
C GLY A 197 -27.28 -15.21 -2.32
N ASP A 199 -24.80 -12.50 -0.92
CA ASP A 199 -24.84 -11.68 0.30
C ASP A 199 -23.75 -10.64 0.39
N GLY A 200 -22.93 -10.52 -0.65
CA GLY A 200 -21.89 -9.50 -0.65
C GLY A 200 -21.15 -9.51 -1.96
N ILE A 201 -20.51 -8.38 -2.27
CA ILE A 201 -19.66 -8.24 -3.47
C ILE A 201 -18.27 -7.78 -3.09
N PHE A 202 -17.27 -8.52 -3.58
CA PHE A 202 -15.89 -8.08 -3.47
C PHE A 202 -15.46 -7.45 -4.80
N ILE A 203 -15.02 -6.21 -4.72
CA ILE A 203 -14.59 -5.46 -5.88
C ILE A 203 -13.07 -5.51 -5.97
N ALA A 204 -12.58 -6.23 -6.97
CA ALA A 204 -11.15 -6.42 -7.20
C ALA A 204 -10.75 -5.54 -8.37
N LYS A 205 -11.33 -4.36 -8.37
CA LYS A 205 -11.02 -3.32 -9.31
C LYS A 205 -10.55 -2.15 -8.48
N THR A 206 -9.56 -1.43 -8.96
CA THR A 206 -9.10 -0.23 -8.28
C THR A 206 -10.15 0.86 -8.38
N ALA A 207 -10.11 1.80 -7.45
CA ALA A 207 -11.12 2.85 -7.39
C ALA A 207 -11.09 3.71 -8.64
N THR A 208 -9.89 4.08 -9.08
CA THR A 208 -9.76 4.84 -10.34
C THR A 208 -9.86 3.98 -11.59
N GLY A 209 -9.83 2.65 -11.44
CA GLY A 209 -9.86 1.78 -12.62
C GLY A 209 -11.25 1.20 -12.85
N GLY A 210 -12.29 2.02 -12.70
CA GLY A 210 -13.65 1.53 -12.88
C GLY A 210 -14.39 1.16 -11.62
N GLY A 211 -13.70 1.20 -10.49
CA GLY A 211 -14.34 0.83 -9.24
C GLY A 211 -15.42 1.80 -8.80
N THR A 212 -15.13 3.09 -8.84
CA THR A 212 -16.08 4.06 -8.32
C THR A 212 -17.34 4.11 -9.16
N GLU A 213 -17.18 4.00 -10.48
CA GLU A 213 -18.32 3.90 -11.39
C GLU A 213 -19.26 2.75 -11.01
N PHE A 214 -18.69 1.60 -10.66
CA PHE A 214 -19.53 0.46 -10.26
C PHE A 214 -20.29 0.78 -8.98
N LEU A 215 -19.62 1.41 -8.03
CA LEU A 215 -20.23 1.76 -6.74
C LEU A 215 -21.48 2.62 -6.98
N VAL A 216 -21.30 3.65 -7.80
CA VAL A 216 -22.40 4.54 -8.14
C VAL A 216 -23.50 3.79 -8.89
N ASP A 217 -23.10 2.96 -9.86
CA ASP A 217 -24.10 2.23 -10.63
C ASP A 217 -24.87 1.23 -9.74
N ALA A 218 -24.16 0.55 -8.86
CA ALA A 218 -24.75 -0.38 -7.89
C ALA A 218 -25.81 0.34 -7.06
N LYS A 219 -25.51 1.56 -6.63
CA LYS A 219 -26.53 2.29 -5.85
C LYS A 219 -27.72 2.68 -6.70
N SER A 220 -27.49 2.99 -7.97
CA SER A 220 -28.60 3.33 -8.88
C SER A 220 -29.56 2.18 -9.08
N VAL A 221 -29.01 0.97 -9.20
CA VAL A 221 -29.81 -0.23 -9.52
C VAL A 221 -30.48 -0.78 -8.24
N GLY A 222 -29.97 -0.35 -7.09
CA GLY A 222 -30.56 -0.69 -5.81
C GLY A 222 -29.92 -1.89 -5.14
N ILE A 223 -28.66 -2.17 -5.47
CA ILE A 223 -28.01 -3.31 -4.88
C ILE A 223 -27.80 -3.08 -3.38
N GLU A 224 -28.29 -4.02 -2.58
CA GLU A 224 -28.42 -3.77 -1.15
C GLU A 224 -27.24 -4.32 -0.34
N VAL A 225 -26.55 -5.32 -0.91
CA VAL A 225 -25.60 -6.11 -0.14
C VAL A 225 -24.29 -5.38 0.13
N PRO A 226 -23.55 -5.79 1.18
CA PRO A 226 -22.29 -5.11 1.47
C PRO A 226 -21.30 -5.15 0.32
N LEU A 227 -20.57 -4.04 0.14
CA LEU A 227 -19.53 -3.93 -0.88
C LEU A 227 -18.19 -3.89 -0.14
N ILE A 228 -17.21 -4.62 -0.68
CA ILE A 228 -15.89 -4.73 -0.06
C ILE A 228 -14.84 -4.49 -1.13
N ALA A 229 -13.76 -3.78 -0.77
CA ALA A 229 -12.70 -3.47 -1.73
C ALA A 229 -11.35 -3.40 -1.04
N GLY A 230 -10.28 -3.27 -1.83
CA GLY A 230 -8.95 -3.23 -1.29
C GLY A 230 -8.31 -1.87 -1.20
N ASN A 231 -6.98 -1.79 -1.16
N ASN A 231 -6.99 -1.86 -1.18
CA ASN A 231 -6.36 -0.57 -0.67
CA ASN A 231 -6.18 -0.68 -0.87
C ASN A 231 -6.44 0.71 -1.52
C ASN A 231 -6.55 0.63 -1.52
N SER A 232 -6.71 0.59 -2.83
CA SER A 232 -6.79 1.81 -3.63
C SER A 232 -8.01 2.66 -3.25
N TRP A 233 -8.88 2.08 -2.45
CA TRP A 233 -10.13 2.73 -2.04
C TRP A 233 -9.95 3.57 -0.77
N ASP A 234 -8.76 3.47 -0.15
CA ASP A 234 -8.42 4.35 0.98
C ASP A 234 -8.27 5.79 0.46
N ALA A 235 -7.51 5.93 -0.62
CA ALA A 235 -7.37 7.22 -1.33
C ALA A 235 -8.69 7.74 -1.92
N THR A 248 -22.35 8.07 -1.44
CA THR A 248 -22.83 6.81 -1.98
C THR A 248 -22.13 5.63 -1.28
N ALA A 249 -20.95 5.87 -0.71
CA ALA A 249 -20.11 4.79 -0.17
C ALA A 249 -20.44 4.31 1.25
N GLU A 250 -21.57 4.75 1.79
CA GLU A 250 -21.97 4.33 3.14
C GLU A 250 -21.92 2.81 3.28
N GLY A 251 -21.12 2.34 4.24
CA GLY A 251 -21.03 0.93 4.54
C GLY A 251 -19.97 0.18 3.77
N LEU A 252 -19.33 0.85 2.80
CA LEU A 252 -18.16 0.24 2.12
C LEU A 252 -17.06 -0.23 3.07
N LEU A 253 -16.64 -1.48 2.94
CA LEU A 253 -15.53 -1.99 3.74
C LEU A 253 -14.26 -1.98 2.88
N VAL A 254 -13.19 -1.43 3.43
CA VAL A 254 -11.93 -1.30 2.73
C VAL A 254 -10.79 -1.99 3.48
N GLY A 255 -10.05 -2.83 2.78
CA GLY A 255 -8.90 -3.46 3.36
C GLY A 255 -7.70 -2.60 3.02
N SER A 256 -7.03 -2.13 4.06
CA SER A 256 -6.01 -1.12 3.90
C SER A 256 -5.02 -1.26 5.03
N PHE A 257 -4.35 -0.17 5.34
CA PHE A 257 -3.38 -0.11 6.41
C PHE A 257 -3.36 1.28 7.06
N PHE A 258 -2.79 1.36 8.25
CA PHE A 258 -2.73 2.56 9.08
C PHE A 258 -4.03 2.82 9.83
N ASN A 259 -3.97 2.73 11.14
CA ASN A 259 -5.13 3.07 11.99
C ASN A 259 -4.74 4.24 12.86
N PRO A 260 -5.27 5.44 12.59
CA PRO A 260 -4.88 6.61 13.39
C PRO A 260 -5.46 6.61 14.78
N GLN A 261 -6.37 5.68 15.04
CA GLN A 261 -6.98 5.49 16.36
C GLN A 261 -6.31 4.33 17.12
N ARG A 262 -5.20 3.81 16.62
CA ARG A 262 -4.53 2.68 17.30
C ARG A 262 -4.01 3.21 18.62
N PRO A 263 -4.35 2.55 19.72
CA PRO A 263 -3.98 3.10 21.03
C PRO A 263 -2.55 2.69 21.35
N ASP A 264 -1.62 3.31 20.63
CA ASP A 264 -0.20 3.03 20.74
C ASP A 264 0.58 4.35 20.75
N SER A 265 1.61 4.43 21.59
N SER A 265 1.61 4.46 21.58
CA SER A 265 2.37 5.66 21.76
CA SER A 265 2.29 5.75 21.73
C SER A 265 2.93 6.19 20.45
C SER A 265 2.94 6.22 20.42
N ARG A 266 3.49 5.30 19.64
CA ARG A 266 4.11 5.74 18.38
C ARG A 266 3.10 6.29 17.39
N THR A 267 1.98 5.59 17.24
CA THR A 267 0.91 6.03 16.33
C THR A 267 0.43 7.38 16.85
N GLN A 268 0.13 7.50 18.15
CA GLN A 268 -0.43 8.75 18.63
C GLN A 268 0.58 9.90 18.60
N ASP A 269 1.87 9.63 18.82
CA ASP A 269 2.85 10.72 18.73
C ASP A 269 2.87 11.29 17.29
N PHE A 270 2.85 10.38 16.32
CA PHE A 270 2.82 10.76 14.91
C PHE A 270 1.56 11.54 14.55
N VAL A 271 0.40 11.04 14.95
CA VAL A 271 -0.86 11.70 14.58
C VAL A 271 -0.88 13.15 15.11
N GLU A 272 -0.48 13.33 16.38
CA GLU A 272 -0.43 14.67 16.98
C GLU A 272 0.59 15.58 16.29
N ALA A 273 1.79 15.06 16.05
CA ALA A 273 2.84 15.83 15.39
C ALA A 273 2.39 16.23 13.99
N PHE A 274 1.74 15.30 13.29
CA PHE A 274 1.36 15.56 11.90
C PHE A 274 0.28 16.64 11.90
N ARG A 275 -0.75 16.45 12.73
CA ARG A 275 -1.78 17.46 12.87
C ARG A 275 -1.26 18.85 13.22
N ARG A 276 -0.32 18.92 14.15
CA ARG A 276 0.24 20.21 14.54
C ARG A 276 1.02 20.91 13.44
N GLU A 277 1.80 20.13 12.68
CA GLU A 277 2.60 20.71 11.61
C GLU A 277 1.78 21.04 10.35
N TYR A 278 0.79 20.20 10.03
CA TYR A 278 0.12 20.29 8.70
C TYR A 278 -1.35 20.67 8.78
N GLY A 279 -1.95 20.60 9.96
CA GLY A 279 -3.26 21.19 10.14
C GLY A 279 -4.37 20.34 9.56
N GLN A 280 -4.10 19.05 9.39
CA GLN A 280 -5.13 18.10 8.97
C GLN A 280 -4.66 16.70 9.34
N PRO A 281 -5.57 15.71 9.35
CA PRO A 281 -5.19 14.36 9.77
C PRO A 281 -4.24 13.70 8.74
N PRO A 282 -3.34 12.85 9.20
CA PRO A 282 -2.51 12.17 8.19
C PRO A 282 -3.30 11.10 7.44
N THR A 283 -2.91 10.85 6.20
CA THR A 283 -3.43 9.74 5.40
C THR A 283 -2.60 8.47 5.63
N SER A 284 -3.11 7.34 5.14
CA SER A 284 -2.34 6.08 5.19
C SER A 284 -0.99 6.21 4.44
N TYR A 285 -0.98 6.98 3.36
CA TYR A 285 0.29 7.19 2.63
C TYR A 285 1.30 8.07 3.36
N ALA A 286 0.79 9.10 4.07
CA ALA A 286 1.67 9.91 4.94
C ALA A 286 2.30 8.99 5.97
N ALA A 287 1.49 8.09 6.53
CA ALA A 287 1.99 7.15 7.56
C ALA A 287 3.01 6.14 7.01
N ALA A 288 2.74 5.57 5.86
CA ALA A 288 3.67 4.64 5.19
C ALA A 288 4.98 5.34 4.80
N GLY A 289 4.88 6.56 4.27
CA GLY A 289 6.08 7.37 3.99
C GLY A 289 6.89 7.67 5.23
N TYR A 290 6.22 8.05 6.32
CA TYR A 290 6.89 8.34 7.57
C TYR A 290 7.62 7.09 8.07
N ASP A 291 6.93 5.95 8.13
CA ASP A 291 7.60 4.75 8.61
C ASP A 291 8.76 4.35 7.68
N ALA A 292 8.65 4.63 6.38
CA ALA A 292 9.72 4.20 5.49
C ALA A 292 11.00 4.99 5.79
N VAL A 293 10.86 6.29 5.99
CA VAL A 293 12.00 7.15 6.30
C VAL A 293 12.59 6.74 7.64
N ILE A 294 11.73 6.48 8.63
CA ILE A 294 12.27 6.18 9.96
C ILE A 294 13.00 4.83 9.92
N LEU A 295 12.42 3.87 9.21
N LEU A 295 12.40 3.86 9.22
CA LEU A 295 13.00 2.55 9.12
CA LEU A 295 12.96 2.50 9.07
C LEU A 295 14.34 2.59 8.37
C LEU A 295 14.32 2.60 8.38
N LEU A 296 14.38 3.31 7.26
CA LEU A 296 15.64 3.40 6.50
C LEU A 296 16.72 4.11 7.32
N ALA A 297 16.32 5.13 8.07
CA ALA A 297 17.32 5.86 8.84
C ALA A 297 17.89 4.97 9.94
N GLU A 298 17.04 4.16 10.55
CA GLU A 298 17.50 3.26 11.60
C GLU A 298 18.48 2.26 10.98
N ALA A 299 18.14 1.69 9.82
CA ALA A 299 19.08 0.71 9.21
C ALA A 299 20.37 1.40 8.78
N LEU A 300 20.24 2.62 8.26
CA LEU A 300 21.44 3.34 7.77
C LEU A 300 22.38 3.70 8.87
N GLU A 301 21.88 4.06 10.06
CA GLU A 301 22.71 4.35 11.23
C GLU A 301 23.75 3.23 11.47
N LYS A 302 23.35 1.99 11.19
CA LYS A 302 24.14 0.85 11.57
C LYS A 302 24.94 0.32 10.40
N SER A 303 24.88 1.01 9.25
CA SER A 303 25.45 0.44 8.02
C SER A 303 26.71 1.18 7.58
N ASP A 304 27.38 0.62 6.58
CA ASP A 304 28.48 1.27 5.88
C ASP A 304 27.91 2.11 4.74
N LEU A 305 27.93 3.43 4.92
CA LEU A 305 27.30 4.30 3.95
C LEU A 305 28.08 4.30 2.66
N THR A 306 29.33 3.82 2.67
CA THR A 306 30.04 3.75 1.38
C THR A 306 29.64 2.57 0.50
N HIS A 307 28.88 1.64 1.06
CA HIS A 307 28.44 0.44 0.32
C HIS A 307 26.92 0.22 0.46
N PRO A 308 26.13 0.92 -0.37
CA PRO A 308 24.67 0.81 -0.25
C PRO A 308 24.15 -0.61 -0.49
N ALA A 309 24.94 -1.49 -1.10
CA ALA A 309 24.43 -2.85 -1.33
C ALA A 309 24.38 -3.65 -0.03
N THR A 310 24.97 -3.11 1.06
CA THR A 310 24.87 -3.77 2.38
C THR A 310 23.62 -3.38 3.16
N LEU A 311 22.80 -2.46 2.67
CA LEU A 311 21.69 -1.95 3.46
C LEU A 311 20.52 -2.94 3.54
N ALA A 312 20.26 -3.68 2.45
CA ALA A 312 19.15 -4.65 2.42
C ALA A 312 19.24 -5.66 3.56
N GLN A 313 20.42 -6.24 3.77
CA GLN A 313 20.60 -7.16 4.87
C GLN A 313 20.38 -6.45 6.20
N GLY A 314 20.78 -5.19 6.28
CA GLY A 314 20.56 -4.44 7.51
C GLY A 314 19.07 -4.26 7.79
N LEU A 315 18.28 -4.05 6.74
CA LEU A 315 16.81 -3.97 6.94
C LEU A 315 16.21 -5.27 7.45
N ARG A 316 16.67 -6.38 6.91
CA ARG A 316 16.23 -7.69 7.39
C ARG A 316 16.68 -7.95 8.84
N ASP A 317 17.86 -7.46 9.18
CA ASP A 317 18.43 -7.66 10.50
C ASP A 317 17.67 -6.91 11.59
N LEU A 318 16.86 -5.92 11.20
CA LEU A 318 16.03 -5.23 12.22
C LEU A 318 15.05 -6.19 12.89
N GLY A 319 14.59 -7.20 12.15
CA GLY A 319 13.64 -8.15 12.76
C GLY A 319 12.37 -7.34 12.94
N PRO A 320 11.55 -7.71 13.93
CA PRO A 320 10.35 -6.90 14.19
C PRO A 320 10.70 -5.49 14.62
N TRP A 321 10.04 -4.52 14.00
CA TRP A 321 10.34 -3.12 14.24
C TRP A 321 9.04 -2.30 14.35
N GLU A 322 8.88 -1.56 15.45
CA GLU A 322 7.63 -0.85 15.69
C GLU A 322 7.61 0.51 15.05
N GLY A 323 6.53 0.76 14.30
CA GLY A 323 6.35 2.00 13.56
C GLY A 323 4.97 2.58 13.87
N VAL A 324 4.60 3.66 13.18
CA VAL A 324 3.28 4.25 13.41
C VAL A 324 2.18 3.39 12.84
N GLY A 326 2.13 0.14 13.03
CA GLY A 326 2.12 -1.15 13.71
C GLY A 326 3.51 -1.84 13.64
N HIS A 328 6.37 -3.86 11.96
CA HIS A 328 6.93 -4.18 10.64
C HIS A 328 7.91 -5.34 10.78
N ARG A 329 8.01 -6.19 9.76
CA ARG A 329 9.08 -7.17 9.74
C ARG A 329 9.26 -7.65 8.32
N PHE A 330 10.48 -7.57 7.82
CA PHE A 330 10.75 -7.98 6.42
C PHE A 330 11.17 -9.41 6.36
N ASP A 331 10.61 -10.15 5.39
CA ASP A 331 11.06 -11.52 5.19
C ASP A 331 12.18 -11.61 4.12
N GLY A 332 12.55 -12.84 3.78
CA GLY A 332 13.67 -13.07 2.88
C GLY A 332 13.41 -12.57 1.46
N ARG A 333 12.14 -12.34 1.15
N ARG A 333 12.13 -12.33 1.14
CA ARG A 333 11.78 -11.90 -0.19
CA ARG A 333 11.77 -11.87 -0.19
C ARG A 333 11.48 -10.42 -0.23
C ARG A 333 11.52 -10.39 -0.24
N GLY A 334 11.47 -9.77 0.93
CA GLY A 334 11.19 -8.35 0.96
C GLY A 334 9.75 -7.98 1.26
N ASP A 335 8.85 -8.96 1.45
CA ASP A 335 7.50 -8.64 1.93
C ASP A 335 7.53 -8.19 3.38
N ASP A 336 6.60 -7.34 3.75
CA ASP A 336 6.44 -6.96 5.14
C ASP A 336 5.41 -7.89 5.75
N ILE A 337 5.85 -8.72 6.70
CA ILE A 337 4.96 -9.74 7.20
C ILE A 337 4.35 -9.30 8.52
N GLY A 338 4.54 -8.03 8.90
CA GLY A 338 3.96 -7.56 10.15
C GLY A 338 2.44 -7.56 10.08
N ASP A 339 1.76 -7.57 11.22
CA ASP A 339 0.29 -7.47 11.20
C ASP A 339 -0.13 -6.02 10.98
N LEU A 340 -0.11 -5.61 9.71
CA LEU A 340 -0.32 -4.21 9.34
C LEU A 340 -1.68 -3.96 8.67
N VAL A 341 -2.47 -5.00 8.39
CA VAL A 341 -3.75 -4.75 7.72
C VAL A 341 -4.73 -4.08 8.68
N VAL A 342 -5.43 -3.03 8.17
CA VAL A 342 -6.46 -2.35 8.97
C VAL A 342 -7.74 -2.33 8.12
N LEU A 343 -8.82 -2.84 8.67
CA LEU A 343 -10.11 -2.83 7.95
C LEU A 343 -10.84 -1.54 8.33
N LYS A 344 -11.39 -0.89 7.31
CA LYS A 344 -11.96 0.46 7.48
C LYS A 344 -13.33 0.46 6.86
N LYS A 345 -14.33 0.92 7.59
CA LYS A 345 -15.71 0.93 7.10
C LYS A 345 -16.24 2.38 7.04
N LYS A 347 -18.64 5.25 7.40
CA LYS A 347 -19.82 5.67 8.11
C LYS A 347 -19.85 7.20 8.13
N ASP A 348 -20.87 7.76 7.48
CA ASP A 348 -21.03 9.20 7.36
C ASP A 348 -19.77 9.88 6.80
N GLY A 349 -19.29 9.41 5.66
CA GLY A 349 -18.17 10.03 5.00
C GLY A 349 -16.84 9.84 5.72
N ARG A 350 -16.86 9.07 6.80
CA ARG A 350 -15.63 8.85 7.55
C ARG A 350 -15.40 7.34 7.71
N PHE A 351 -14.13 6.92 7.71
CA PHE A 351 -13.80 5.55 8.04
C PHE A 351 -13.89 5.33 9.55
N GLU A 352 -14.59 4.28 9.96
CA GLU A 352 -14.44 3.74 11.31
C GLU A 352 -13.48 2.55 11.26
N TYR A 353 -12.83 2.27 12.36
CA TYR A 353 -11.71 1.32 12.31
C TYR A 353 -12.05 0.07 13.07
N LEU A 354 -12.09 -1.05 12.34
CA LEU A 354 -12.48 -2.31 12.96
C LEU A 354 -11.31 -3.00 13.67
#